data_5UI7
#
_entry.id   5UI7
#
_entity_poly.entity_id   1
_entity_poly.type   'polypeptide(L)'
_entity_poly.pdbx_seq_one_letter_code
;GSDGPIIEFFNPNGVMHYG
;
_entity_poly.pdbx_strand_id   A
#
# COMPACT_ATOMS: atom_id res chain seq x y z
N GLY A 1 0.32 -0.47 2.73
CA GLY A 1 1.00 -0.73 3.99
C GLY A 1 1.26 0.53 4.78
N SER A 2 1.89 1.51 4.15
CA SER A 2 2.20 2.78 4.81
C SER A 2 2.42 3.89 3.79
N ASP A 3 3.57 3.87 3.14
CA ASP A 3 3.91 4.87 2.14
C ASP A 3 5.19 4.50 1.40
N GLY A 4 5.13 3.39 0.65
CA GLY A 4 6.29 2.95 -0.09
C GLY A 4 6.29 3.45 -1.52
N PRO A 5 7.29 3.02 -2.31
CA PRO A 5 7.43 3.42 -3.71
C PRO A 5 6.34 2.81 -4.60
N ILE A 6 5.75 1.71 -4.13
CA ILE A 6 4.70 1.03 -4.88
C ILE A 6 3.36 1.11 -4.14
N ILE A 7 2.28 1.08 -4.90
CA ILE A 7 0.94 1.14 -4.31
C ILE A 7 0.45 -0.25 -3.93
N GLU A 8 -0.28 -0.33 -2.81
CA GLU A 8 -0.81 -1.60 -2.34
C GLU A 8 -1.96 -2.07 -3.23
N PHE A 9 -1.65 -2.99 -4.13
CA PHE A 9 -2.66 -3.53 -5.05
C PHE A 9 -3.00 -4.97 -4.69
N PHE A 10 -2.94 -5.29 -3.40
CA PHE A 10 -3.25 -6.64 -2.94
C PHE A 10 -4.39 -6.63 -1.93
N ASN A 11 -5.27 -5.64 -2.07
CA ASN A 11 -6.41 -5.50 -1.17
C ASN A 11 -5.95 -5.30 0.27
N PRO A 12 -5.31 -4.15 0.52
CA PRO A 12 -4.80 -3.79 1.85
C PRO A 12 -5.93 -3.48 2.83
N ASN A 13 -5.57 -2.96 4.00
CA ASN A 13 -6.55 -2.62 5.03
C ASN A 13 -7.17 -1.26 4.75
N GLY A 14 -6.47 -0.44 3.97
CA GLY A 14 -6.96 0.88 3.64
C GLY A 14 -6.59 1.31 2.24
N VAL A 15 -5.88 2.43 2.14
CA VAL A 15 -5.45 2.95 0.85
C VAL A 15 -4.13 3.72 0.96
N MET A 16 -3.03 2.98 0.84
CA MET A 16 -1.70 3.60 0.93
C MET A 16 -0.66 2.73 0.21
N HIS A 17 0.53 3.30 0.02
CA HIS A 17 1.61 2.58 -0.65
C HIS A 17 2.28 1.59 0.30
N TYR A 18 3.36 0.98 -0.16
CA TYR A 18 4.08 0.01 0.65
C TYR A 18 5.39 -0.40 -0.02
N GLY A 19 6.22 -1.15 0.70
CA GLY A 19 7.49 -1.60 0.15
C GLY A 19 7.33 -2.70 -0.87
N GLY A 1 0.48 -0.53 2.72
CA GLY A 1 1.20 -0.75 3.96
C GLY A 1 1.40 0.53 4.75
N SER A 2 1.97 1.54 4.09
CA SER A 2 2.23 2.82 4.73
C SER A 2 2.40 3.93 3.70
N ASP A 3 3.56 3.96 3.06
CA ASP A 3 3.86 4.95 2.04
C ASP A 3 5.14 4.61 1.29
N GLY A 4 5.10 3.50 0.56
CA GLY A 4 6.27 3.07 -0.19
C GLY A 4 6.24 3.57 -1.63
N PRO A 5 7.24 3.16 -2.42
CA PRO A 5 7.36 3.55 -3.83
C PRO A 5 6.28 2.91 -4.70
N ILE A 6 5.73 1.80 -4.21
CA ILE A 6 4.69 1.08 -4.94
C ILE A 6 3.35 1.14 -4.20
N ILE A 7 2.26 1.07 -4.95
CA ILE A 7 0.94 1.10 -4.36
C ILE A 7 0.47 -0.29 -3.96
N GLU A 8 -0.28 -0.37 -2.86
CA GLU A 8 -0.78 -1.65 -2.37
C GLU A 8 -1.97 -2.11 -3.19
N PHE A 9 -1.73 -3.07 -4.08
CA PHE A 9 -2.78 -3.61 -4.93
C PHE A 9 -3.16 -5.02 -4.51
N PHE A 10 -3.28 -5.23 -3.19
CA PHE A 10 -3.64 -6.54 -2.66
C PHE A 10 -4.68 -6.40 -1.54
N ASN A 11 -5.38 -5.26 -1.54
CA ASN A 11 -6.40 -5.01 -0.53
C ASN A 11 -5.86 -5.24 0.87
N PRO A 12 -4.94 -4.36 1.30
CA PRO A 12 -4.32 -4.44 2.62
C PRO A 12 -5.30 -4.11 3.74
N ASN A 13 -6.01 -2.99 3.59
CA ASN A 13 -6.98 -2.56 4.59
C ASN A 13 -7.65 -1.26 4.18
N GLY A 14 -6.87 -0.39 3.52
CA GLY A 14 -7.40 0.89 3.08
C GLY A 14 -6.87 1.31 1.73
N VAL A 15 -6.04 2.36 1.72
CA VAL A 15 -5.46 2.85 0.48
C VAL A 15 -4.15 3.58 0.74
N MET A 16 -3.04 2.84 0.69
CA MET A 16 -1.72 3.41 0.93
C MET A 16 -0.64 2.59 0.23
N HIS A 17 0.49 3.23 -0.04
CA HIS A 17 1.61 2.56 -0.71
C HIS A 17 2.30 1.60 0.25
N TYR A 18 3.41 1.02 -0.21
CA TYR A 18 4.17 0.08 0.61
C TYR A 18 5.48 -0.30 -0.08
N GLY A 19 6.33 -1.01 0.64
CA GLY A 19 7.61 -1.43 0.09
C GLY A 19 7.47 -2.59 -0.88
N GLY A 1 -0.10 -0.53 2.67
CA GLY A 1 -0.98 0.01 3.70
C GLY A 1 -0.28 1.00 4.60
N SER A 2 0.88 1.49 4.16
CA SER A 2 1.66 2.45 4.94
C SER A 2 2.24 3.53 4.04
N ASP A 3 3.28 3.17 3.30
CA ASP A 3 3.93 4.11 2.39
C ASP A 3 5.06 3.43 1.62
N GLY A 4 5.35 3.94 0.43
CA GLY A 4 6.40 3.37 -0.39
C GLY A 4 6.32 3.81 -1.84
N PRO A 5 7.31 3.40 -2.64
CA PRO A 5 7.37 3.74 -4.07
C PRO A 5 6.28 3.04 -4.88
N ILE A 6 5.74 1.96 -4.32
CA ILE A 6 4.69 1.20 -5.00
C ILE A 6 3.40 1.21 -4.19
N ILE A 7 2.28 1.05 -4.88
CA ILE A 7 0.98 1.04 -4.23
C ILE A 7 0.54 -0.38 -3.89
N GLU A 8 -0.08 -0.55 -2.72
CA GLU A 8 -0.54 -1.85 -2.29
C GLU A 8 -1.82 -2.27 -3.05
N PHE A 9 -1.66 -3.15 -4.02
CA PHE A 9 -2.79 -3.62 -4.81
C PHE A 9 -3.16 -5.05 -4.43
N PHE A 10 -3.17 -5.34 -3.13
CA PHE A 10 -3.51 -6.67 -2.64
C PHE A 10 -4.60 -6.59 -1.57
N ASN A 11 -5.39 -5.53 -1.62
CA ASN A 11 -6.47 -5.33 -0.65
C ASN A 11 -5.96 -5.51 0.77
N PRO A 12 -5.09 -4.59 1.21
CA PRO A 12 -4.51 -4.61 2.55
C PRO A 12 -5.53 -4.30 3.63
N ASN A 13 -6.27 -3.20 3.44
CA ASN A 13 -7.28 -2.79 4.40
C ASN A 13 -7.94 -1.49 3.96
N GLY A 14 -7.13 -0.49 3.65
CA GLY A 14 -7.65 0.80 3.23
C GLY A 14 -7.11 1.22 1.87
N VAL A 15 -5.98 1.93 1.87
CA VAL A 15 -5.37 2.40 0.65
C VAL A 15 -4.09 3.18 0.93
N MET A 16 -2.95 2.56 0.63
CA MET A 16 -1.66 3.20 0.86
C MET A 16 -0.57 2.54 0.02
N HIS A 17 0.67 2.98 0.20
CA HIS A 17 1.79 2.43 -0.54
C HIS A 17 2.59 1.46 0.32
N TYR A 18 3.70 0.97 -0.21
CA TYR A 18 4.56 0.04 0.51
C TYR A 18 5.88 -0.16 -0.22
N GLY A 19 6.82 -0.82 0.45
CA GLY A 19 8.13 -1.07 -0.15
C GLY A 19 9.21 -0.21 0.46
N GLY A 1 0.74 -0.86 2.81
CA GLY A 1 1.56 -1.07 3.99
C GLY A 1 1.73 0.19 4.81
N SER A 2 2.19 1.25 4.17
CA SER A 2 2.40 2.53 4.85
C SER A 2 2.50 3.68 3.84
N ASP A 3 3.65 3.77 3.19
CA ASP A 3 3.87 4.82 2.19
C ASP A 3 5.14 4.55 1.39
N GLY A 4 5.13 3.46 0.62
CA GLY A 4 6.28 3.11 -0.18
C GLY A 4 6.19 3.64 -1.60
N PRO A 5 7.18 3.28 -2.43
CA PRO A 5 7.23 3.72 -3.83
C PRO A 5 6.15 3.07 -4.68
N ILE A 6 5.65 1.93 -4.22
CA ILE A 6 4.61 1.20 -4.94
C ILE A 6 3.30 1.18 -4.15
N ILE A 7 2.19 1.11 -4.86
CA ILE A 7 0.87 1.08 -4.23
C ILE A 7 0.47 -0.34 -3.84
N GLU A 8 -0.25 -0.46 -2.73
CA GLU A 8 -0.68 -1.76 -2.25
C GLU A 8 -1.91 -2.24 -3.03
N PHE A 9 -1.68 -3.18 -3.94
CA PHE A 9 -2.77 -3.73 -4.75
C PHE A 9 -3.15 -5.14 -4.28
N PHE A 10 -3.38 -5.27 -2.98
CA PHE A 10 -3.75 -6.57 -2.41
C PHE A 10 -4.67 -6.38 -1.21
N ASN A 11 -5.62 -5.46 -1.33
CA ASN A 11 -6.56 -5.18 -0.25
C ASN A 11 -5.83 -4.92 1.06
N PRO A 12 -5.05 -3.82 1.10
CA PRO A 12 -4.29 -3.43 2.29
C PRO A 12 -5.18 -2.97 3.43
N ASN A 13 -6.45 -2.72 3.12
CA ASN A 13 -7.41 -2.27 4.12
C ASN A 13 -7.01 -0.90 4.67
N GLY A 14 -7.06 0.12 3.81
CA GLY A 14 -6.70 1.46 4.23
C GLY A 14 -6.24 2.32 3.08
N VAL A 15 -5.85 1.68 1.99
CA VAL A 15 -5.37 2.40 0.81
C VAL A 15 -4.08 3.16 1.11
N MET A 16 -2.96 2.45 1.01
CA MET A 16 -1.66 3.05 1.26
C MET A 16 -0.55 2.30 0.53
N HIS A 17 0.49 3.02 0.14
CA HIS A 17 1.61 2.42 -0.56
C HIS A 17 2.38 1.45 0.34
N TYR A 18 3.50 0.94 -0.16
CA TYR A 18 4.32 0.01 0.60
C TYR A 18 5.62 -0.29 -0.13
N GLY A 19 6.53 -0.99 0.55
CA GLY A 19 7.81 -1.34 -0.06
C GLY A 19 7.66 -2.40 -1.14
N GLY A 1 0.64 -0.96 2.81
CA GLY A 1 1.39 -1.24 4.02
C GLY A 1 1.59 -0.02 4.89
N SER A 2 2.02 1.08 4.28
CA SER A 2 2.24 2.32 5.01
C SER A 2 2.38 3.50 4.05
N ASP A 3 3.54 3.61 3.41
CA ASP A 3 3.79 4.68 2.46
C ASP A 3 5.07 4.43 1.67
N GLY A 4 5.06 3.38 0.85
CA GLY A 4 6.22 3.04 0.05
C GLY A 4 6.16 3.64 -1.34
N PRO A 5 7.17 3.32 -2.17
CA PRO A 5 7.25 3.82 -3.54
C PRO A 5 6.20 3.19 -4.44
N ILE A 6 5.67 2.04 -4.04
CA ILE A 6 4.65 1.36 -4.81
C ILE A 6 3.32 1.32 -4.06
N ILE A 7 2.23 1.20 -4.81
CA ILE A 7 0.90 1.16 -4.22
C ILE A 7 0.49 -0.27 -3.88
N GLU A 8 -0.25 -0.43 -2.79
CA GLU A 8 -0.71 -1.75 -2.37
C GLU A 8 -1.92 -2.19 -3.17
N PHE A 9 -1.70 -3.11 -4.11
CA PHE A 9 -2.77 -3.62 -4.94
C PHE A 9 -3.21 -5.01 -4.49
N PHE A 10 -3.59 -5.12 -3.23
CA PHE A 10 -4.02 -6.39 -2.67
C PHE A 10 -4.92 -6.17 -1.45
N ASN A 11 -5.65 -5.06 -1.46
CA ASN A 11 -6.55 -4.73 -0.36
C ASN A 11 -5.84 -4.84 0.98
N PRO A 12 -4.95 -3.85 1.26
CA PRO A 12 -4.19 -3.81 2.51
C PRO A 12 -5.06 -3.50 3.72
N ASN A 13 -5.85 -2.44 3.61
CA ASN A 13 -6.74 -2.04 4.69
C ASN A 13 -7.52 -0.77 4.32
N GLY A 14 -6.78 0.30 4.03
CA GLY A 14 -7.40 1.55 3.66
C GLY A 14 -6.81 2.16 2.42
N VAL A 15 -6.23 1.31 1.56
CA VAL A 15 -5.61 1.78 0.32
C VAL A 15 -4.41 2.67 0.61
N MET A 16 -3.21 2.11 0.49
CA MET A 16 -1.99 2.86 0.74
C MET A 16 -0.81 2.25 -0.03
N HIS A 17 0.38 2.80 0.19
CA HIS A 17 1.57 2.31 -0.49
C HIS A 17 2.34 1.34 0.41
N TYR A 18 3.46 0.82 -0.10
CA TYR A 18 4.27 -0.12 0.65
C TYR A 18 5.60 -0.38 -0.05
N GLY A 19 6.49 -1.11 0.61
CA GLY A 19 7.78 -1.42 0.03
C GLY A 19 7.86 -2.85 -0.47
N GLY A 1 0.14 -0.35 2.79
CA GLY A 1 -0.60 0.59 3.60
C GLY A 1 0.30 1.44 4.49
N SER A 2 1.15 2.26 3.87
CA SER A 2 2.07 3.11 4.60
C SER A 2 2.49 4.31 3.76
N ASP A 3 3.48 4.11 2.91
CA ASP A 3 3.97 5.17 2.04
C ASP A 3 5.22 4.72 1.28
N GLY A 4 5.14 3.53 0.69
CA GLY A 4 6.27 3.01 -0.06
C GLY A 4 6.28 3.50 -1.49
N PRO A 5 7.29 3.06 -2.26
CA PRO A 5 7.45 3.44 -3.67
C PRO A 5 6.37 2.83 -4.56
N ILE A 6 5.77 1.75 -4.09
CA ILE A 6 4.72 1.06 -4.84
C ILE A 6 3.40 1.12 -4.10
N ILE A 7 2.30 1.05 -4.86
CA ILE A 7 0.97 1.10 -4.28
C ILE A 7 0.49 -0.31 -3.91
N GLU A 8 -0.22 -0.40 -2.78
CA GLU A 8 -0.74 -1.68 -2.31
C GLU A 8 -1.93 -2.12 -3.15
N PHE A 9 -1.70 -3.06 -4.06
CA PHE A 9 -2.76 -3.57 -4.93
C PHE A 9 -3.13 -5.00 -4.54
N PHE A 10 -3.13 -5.29 -3.24
CA PHE A 10 -3.47 -6.61 -2.74
C PHE A 10 -4.62 -6.54 -1.76
N ASN A 11 -5.49 -5.55 -1.94
CA ASN A 11 -6.64 -5.37 -1.06
C ASN A 11 -6.22 -5.35 0.41
N PRO A 12 -5.45 -4.32 0.79
CA PRO A 12 -4.97 -4.16 2.16
C PRO A 12 -6.08 -3.82 3.14
N ASN A 13 -5.70 -3.45 4.35
CA ASN A 13 -6.68 -3.11 5.38
C ASN A 13 -7.16 -1.67 5.21
N GLY A 14 -6.34 -0.85 4.56
CA GLY A 14 -6.70 0.54 4.34
C GLY A 14 -6.58 0.94 2.89
N VAL A 15 -5.58 1.75 2.59
CA VAL A 15 -5.35 2.22 1.22
C VAL A 15 -4.14 3.15 1.14
N MET A 16 -2.96 2.57 0.94
CA MET A 16 -1.73 3.34 0.85
C MET A 16 -0.65 2.55 0.13
N HIS A 17 0.54 3.14 0.05
CA HIS A 17 1.67 2.48 -0.61
C HIS A 17 2.35 1.50 0.34
N TYR A 18 3.46 0.92 -0.13
CA TYR A 18 4.21 -0.04 0.68
C TYR A 18 5.51 -0.43 -0.02
N GLY A 19 6.34 -1.21 0.68
CA GLY A 19 7.60 -1.64 0.12
C GLY A 19 8.77 -0.85 0.66
N GLY A 1 0.64 -0.75 2.86
CA GLY A 1 1.47 -1.06 4.01
C GLY A 1 1.78 0.17 4.85
N SER A 2 1.98 1.31 4.19
CA SER A 2 2.28 2.56 4.88
C SER A 2 2.44 3.70 3.89
N ASP A 3 3.58 3.75 3.22
CA ASP A 3 3.85 4.79 2.24
C ASP A 3 5.13 4.48 1.46
N GLY A 4 5.10 3.41 0.68
CA GLY A 4 6.25 3.02 -0.11
C GLY A 4 6.20 3.57 -1.52
N PRO A 5 7.20 3.21 -2.34
CA PRO A 5 7.29 3.66 -3.73
C PRO A 5 6.22 3.04 -4.61
N ILE A 6 5.67 1.91 -4.16
CA ILE A 6 4.62 1.22 -4.92
C ILE A 6 3.31 1.23 -4.16
N ILE A 7 2.21 1.14 -4.90
CA ILE A 7 0.87 1.14 -4.30
C ILE A 7 0.45 -0.28 -3.91
N GLU A 8 -0.26 -0.39 -2.80
CA GLU A 8 -0.73 -1.69 -2.32
C GLU A 8 -1.95 -2.16 -3.12
N PHE A 9 -1.71 -3.12 -4.01
CA PHE A 9 -2.77 -3.67 -4.85
C PHE A 9 -3.18 -5.05 -4.38
N PHE A 10 -3.44 -5.19 -3.08
CA PHE A 10 -3.82 -6.47 -2.50
C PHE A 10 -4.83 -6.26 -1.37
N ASN A 11 -5.48 -5.11 -1.37
CA ASN A 11 -6.47 -4.79 -0.34
C ASN A 11 -5.91 -5.04 1.06
N PRO A 12 -4.93 -4.19 1.45
CA PRO A 12 -4.29 -4.31 2.76
C PRO A 12 -5.23 -3.92 3.91
N ASN A 13 -5.86 -2.76 3.78
CA ASN A 13 -6.78 -2.28 4.80
C ASN A 13 -7.32 -0.90 4.44
N GLY A 14 -7.51 -0.66 3.15
CA GLY A 14 -8.03 0.61 2.69
C GLY A 14 -7.42 1.04 1.37
N VAL A 15 -6.31 1.76 1.44
CA VAL A 15 -5.62 2.24 0.24
C VAL A 15 -4.37 3.02 0.59
N MET A 16 -3.21 2.42 0.35
CA MET A 16 -1.94 3.07 0.65
C MET A 16 -0.80 2.40 -0.11
N HIS A 17 0.41 2.92 0.06
CA HIS A 17 1.59 2.37 -0.61
C HIS A 17 2.33 1.41 0.31
N TYR A 18 3.44 0.87 -0.18
CA TYR A 18 4.25 -0.06 0.59
C TYR A 18 5.55 -0.39 -0.13
N GLY A 19 6.42 -1.15 0.53
CA GLY A 19 7.69 -1.53 -0.06
C GLY A 19 8.86 -0.80 0.56
N GLY A 1 0.24 -0.39 2.92
CA GLY A 1 -0.48 0.51 3.79
C GLY A 1 0.43 1.37 4.64
N SER A 2 1.25 2.19 3.98
CA SER A 2 2.18 3.06 4.68
C SER A 2 2.55 4.26 3.82
N ASP A 3 3.54 4.07 2.96
CA ASP A 3 3.99 5.13 2.07
C ASP A 3 5.21 4.68 1.25
N GLY A 4 5.21 3.41 0.86
CA GLY A 4 6.30 2.87 0.08
C GLY A 4 6.32 3.41 -1.33
N PRO A 5 7.33 2.99 -2.12
CA PRO A 5 7.48 3.42 -3.51
C PRO A 5 6.39 2.84 -4.42
N ILE A 6 5.79 1.74 -3.99
CA ILE A 6 4.73 1.09 -4.76
C ILE A 6 3.40 1.14 -4.02
N ILE A 7 2.31 1.08 -4.77
CA ILE A 7 0.98 1.12 -4.19
C ILE A 7 0.50 -0.29 -3.83
N GLU A 8 -0.23 -0.40 -2.72
CA GLU A 8 -0.74 -1.68 -2.26
C GLU A 8 -1.96 -2.10 -3.09
N PHE A 9 -1.74 -3.02 -4.02
CA PHE A 9 -2.83 -3.51 -4.88
C PHE A 9 -3.22 -4.93 -4.50
N PHE A 10 -3.29 -5.20 -3.20
CA PHE A 10 -3.65 -6.53 -2.71
C PHE A 10 -4.76 -6.43 -1.67
N ASN A 11 -5.75 -5.59 -1.93
CA ASN A 11 -6.87 -5.41 -1.02
C ASN A 11 -6.37 -5.13 0.40
N PRO A 12 -5.71 -3.98 0.58
CA PRO A 12 -5.17 -3.57 1.87
C PRO A 12 -6.26 -3.20 2.87
N ASN A 13 -5.86 -2.63 4.00
CA ASN A 13 -6.81 -2.23 5.03
C ASN A 13 -6.76 -0.72 5.26
N GLY A 14 -5.60 -0.13 5.02
CA GLY A 14 -5.44 1.30 5.20
C GLY A 14 -5.44 2.06 3.88
N VAL A 15 -5.24 1.33 2.79
CA VAL A 15 -5.22 1.95 1.47
C VAL A 15 -4.06 2.92 1.33
N MET A 16 -2.86 2.37 1.15
CA MET A 16 -1.65 3.19 1.01
C MET A 16 -0.55 2.42 0.29
N HIS A 17 0.63 3.03 0.17
CA HIS A 17 1.76 2.40 -0.49
C HIS A 17 2.45 1.40 0.44
N TYR A 18 3.51 0.79 -0.05
CA TYR A 18 4.26 -0.19 0.73
C TYR A 18 5.56 -0.57 0.03
N GLY A 19 6.37 -1.38 0.70
CA GLY A 19 7.63 -1.81 0.13
C GLY A 19 8.82 -1.03 0.68
N GLY A 1 0.21 -0.35 2.89
CA GLY A 1 -0.53 0.55 3.75
C GLY A 1 0.37 1.42 4.59
N SER A 2 1.20 2.23 3.94
CA SER A 2 2.13 3.11 4.64
C SER A 2 2.51 4.31 3.77
N ASP A 3 3.50 4.11 2.91
CA ASP A 3 3.95 5.17 2.02
C ASP A 3 5.17 4.71 1.22
N GLY A 4 5.18 3.45 0.84
CA GLY A 4 6.29 2.92 0.06
C GLY A 4 6.31 3.44 -1.35
N PRO A 5 7.32 3.01 -2.13
CA PRO A 5 7.48 3.42 -3.52
C PRO A 5 6.40 2.84 -4.43
N ILE A 6 5.80 1.74 -3.99
CA ILE A 6 4.76 1.09 -4.76
C ILE A 6 3.42 1.13 -4.03
N ILE A 7 2.33 1.07 -4.79
CA ILE A 7 0.99 1.10 -4.21
C ILE A 7 0.52 -0.31 -3.86
N GLU A 8 -0.22 -0.41 -2.74
CA GLU A 8 -0.72 -1.69 -2.29
C GLU A 8 -1.94 -2.12 -3.12
N PHE A 9 -1.72 -3.05 -4.05
CA PHE A 9 -2.78 -3.54 -4.90
C PHE A 9 -3.18 -4.97 -4.52
N PHE A 10 -3.26 -5.22 -3.21
CA PHE A 10 -3.62 -6.55 -2.72
C PHE A 10 -4.74 -6.45 -1.68
N ASN A 11 -5.73 -5.62 -1.96
CA ASN A 11 -6.85 -5.44 -1.05
C ASN A 11 -6.37 -5.14 0.37
N PRO A 12 -5.70 -3.98 0.53
CA PRO A 12 -5.17 -3.56 1.83
C PRO A 12 -6.28 -3.18 2.82
N ASN A 13 -5.88 -2.61 3.94
CA ASN A 13 -6.84 -2.20 4.97
C ASN A 13 -6.80 -0.69 5.19
N GLY A 14 -5.64 -0.10 4.94
CA GLY A 14 -5.48 1.34 5.12
C GLY A 14 -5.48 2.08 3.80
N VAL A 15 -5.27 1.36 2.71
CA VAL A 15 -5.24 1.96 1.38
C VAL A 15 -4.08 2.92 1.25
N MET A 16 -2.87 2.38 1.09
CA MET A 16 -1.68 3.20 0.93
C MET A 16 -0.57 2.42 0.23
N HIS A 17 0.59 3.05 0.12
CA HIS A 17 1.74 2.41 -0.53
C HIS A 17 2.42 1.43 0.41
N TYR A 18 3.51 0.81 -0.06
CA TYR A 18 4.25 -0.16 0.72
C TYR A 18 5.55 -0.54 0.04
N GLY A 19 6.36 -1.34 0.73
CA GLY A 19 7.64 -1.77 0.17
C GLY A 19 7.45 -2.65 -1.05
N GLY A 1 0.60 -0.64 2.89
CA GLY A 1 -0.06 0.13 3.91
C GLY A 1 0.89 0.97 4.73
N SER A 2 1.46 2.00 4.11
CA SER A 2 2.40 2.88 4.78
C SER A 2 2.71 4.11 3.93
N ASP A 3 3.65 3.98 3.01
CA ASP A 3 4.03 5.07 2.14
C ASP A 3 5.25 4.70 1.29
N GLY A 4 5.18 3.53 0.65
CA GLY A 4 6.28 3.08 -0.17
C GLY A 4 6.20 3.63 -1.58
N PRO A 5 7.18 3.25 -2.43
CA PRO A 5 7.24 3.69 -3.83
C PRO A 5 6.13 3.07 -4.67
N ILE A 6 5.60 1.95 -4.21
CA ILE A 6 4.54 1.26 -4.93
C ILE A 6 3.24 1.25 -4.12
N ILE A 7 2.12 1.07 -4.81
CA ILE A 7 0.82 1.04 -4.15
C ILE A 7 0.42 -0.39 -3.81
N GLU A 8 -0.24 -0.54 -2.66
CA GLU A 8 -0.68 -1.86 -2.21
C GLU A 8 -1.93 -2.31 -2.96
N PHE A 9 -1.75 -3.21 -3.91
CA PHE A 9 -2.86 -3.72 -4.72
C PHE A 9 -3.20 -5.15 -4.31
N PHE A 10 -3.24 -5.40 -3.01
CA PHE A 10 -3.56 -6.74 -2.49
C PHE A 10 -4.62 -6.65 -1.40
N ASN A 11 -5.45 -5.62 -1.46
CA ASN A 11 -6.51 -5.42 -0.47
C ASN A 11 -5.95 -5.51 0.94
N PRO A 12 -5.10 -4.53 1.31
CA PRO A 12 -4.49 -4.48 2.63
C PRO A 12 -5.50 -4.16 3.73
N ASN A 13 -6.28 -3.11 3.51
CA ASN A 13 -7.29 -2.69 4.48
C ASN A 13 -8.04 -1.45 3.98
N GLY A 14 -7.30 -0.53 3.37
CA GLY A 14 -7.92 0.69 2.86
C GLY A 14 -7.32 1.13 1.54
N VAL A 15 -6.19 1.84 1.61
CA VAL A 15 -5.52 2.32 0.41
C VAL A 15 -4.25 3.09 0.78
N MET A 16 -3.10 2.47 0.52
CA MET A 16 -1.82 3.10 0.81
C MET A 16 -0.71 2.46 -0.01
N HIS A 17 0.53 2.89 0.25
CA HIS A 17 1.69 2.36 -0.48
C HIS A 17 2.49 1.41 0.41
N TYR A 18 3.54 0.82 -0.17
CA TYR A 18 4.38 -0.11 0.57
C TYR A 18 5.68 -0.39 -0.20
N GLY A 19 6.58 -1.14 0.43
CA GLY A 19 7.84 -1.47 -0.20
C GLY A 19 8.93 -0.48 0.14
#